data_1T89
#
_entry.id   1T89
#
_cell.length_a   114.984
_cell.length_b   114.984
_cell.length_c   301.400
_cell.angle_alpha   90.00
_cell.angle_beta   90.00
_cell.angle_gamma   120.00
#
_symmetry.space_group_name_H-M   'P 65 2 2'
#
loop_
_entity.id
_entity.type
_entity.pdbx_description
1 polymer 'recombinant IgG1 heavy chain'
2 polymer 'Low affinity immunoglobulin gamma Fc region receptor III-B'
3 branched beta-D-galactopyranose-(1-4)-2-acetamido-2-deoxy-alpha-D-glucopyranose-(1-2)-alpha-D-mannopyranose-(1-6)-[beta-D-mannopyranose-(1-3)]beta-D-mannopyranose-(1-4)-2-acetamido-2-deoxy-beta-D-glucopyranose-(1-4)-[beta-L-fucopyranose-(1-6)]2-acetamido-2-deoxy-beta-D-glucopyranose
4 branched 2-acetamido-2-deoxy-beta-D-glucopyranose-(1-2)-alpha-D-mannopyranose-(1-3)-[2-acetamido-2-deoxy-beta-D-glucopyranose-(1-2)-alpha-D-mannopyranose-(1-6)]beta-D-mannopyranose-(1-4)-2-acetamido-2-deoxy-alpha-D-glucopyranose-(1-4)-[alpha-L-fucopyranose-(1-6)]2-acetamido-2-deoxy-beta-D-glucopyranose
#
loop_
_entity_poly.entity_id
_entity_poly.type
_entity_poly.pdbx_seq_one_letter_code
_entity_poly.pdbx_strand_id
1 'polypeptide(L)'
;HTCPPCPAPELLGGPSVFLFPPKPKDTLMISRTPEVTCVVVDVSHEDPEVKFNWYVDGVEVHNAKTKPREEQYNSTYRVV
SVLTVLHQDWLNGKEYKCKVSNKALPAPIEKTISKAKGQPREPQVYTLPPSREEMTKNQVSLTCLVKGFYPSDIAVEWES
NGQPENNYKTTPPVLDSDGSFFLYSKLTVDKSRWQQGNVFSCSVMHEALHNHYTQKSLSLSPGK
;
A,B
2 'polypeptide(L)'
;RTEDLPKAVVFLEPQWYSVLEKDSVTLKCQGAYSPEDNSTQWFHNESLISSQASSYFIDAATVNDSGEYRCQTNLSTLSD
PVQLEVHIGWLLLQAPRWVFKEEDPIHLRCHSWKNTALHKVTYLQNGKDRKYFHHNSDFHIPKATLKDSGSYFCRGLVGS
KNVSSETVNITITQGL
;
C
#
# COMPACT_ATOMS: atom_id res chain seq x y z
N LEU A 12 17.99 -9.55 -4.34
CA LEU A 12 17.98 -9.89 -2.90
C LEU A 12 17.70 -11.38 -2.69
N GLY A 13 16.60 -11.69 -1.99
CA GLY A 13 16.24 -13.08 -1.73
C GLY A 13 16.89 -13.68 -0.50
N GLY A 14 16.14 -13.83 0.59
CA GLY A 14 16.68 -14.39 1.81
C GLY A 14 15.91 -13.90 3.02
N PRO A 15 16.46 -13.96 4.23
CA PRO A 15 15.64 -13.46 5.33
C PRO A 15 15.62 -11.94 5.28
N SER A 16 14.53 -11.35 5.78
CA SER A 16 14.38 -9.91 5.79
C SER A 16 14.43 -9.41 7.22
N VAL A 17 14.75 -8.13 7.40
CA VAL A 17 14.83 -7.57 8.74
C VAL A 17 14.13 -6.23 8.93
N PHE A 18 13.34 -6.15 9.98
CA PHE A 18 12.64 -4.91 10.24
C PHE A 18 13.00 -4.45 11.62
N LEU A 19 13.23 -3.15 11.75
CA LEU A 19 13.58 -2.60 13.04
C LEU A 19 12.48 -1.67 13.46
N PHE A 20 12.05 -1.84 14.70
CA PHE A 20 10.98 -1.03 15.24
C PHE A 20 11.54 -0.22 16.36
N PRO A 21 10.92 0.92 16.65
CA PRO A 21 11.34 1.81 17.72
C PRO A 21 10.47 1.57 18.93
N PRO A 22 10.70 2.33 20.01
CA PRO A 22 9.91 2.20 21.24
C PRO A 22 8.55 2.94 21.13
N LYS A 23 7.61 2.66 22.03
CA LYS A 23 6.32 3.35 21.99
C LYS A 23 6.56 4.73 22.60
N PRO A 24 6.12 5.78 21.90
CA PRO A 24 6.26 7.18 22.31
C PRO A 24 5.94 7.46 23.75
N LYS A 25 4.81 6.91 24.20
CA LYS A 25 4.40 7.10 25.56
C LYS A 25 5.33 6.36 26.50
N ASP A 26 5.89 5.25 26.02
CA ASP A 26 6.81 4.47 26.84
C ASP A 26 8.12 5.23 26.99
N THR A 27 8.42 6.08 26.03
CA THR A 27 9.66 6.83 26.08
C THR A 27 9.56 8.08 26.91
N LEU A 28 8.38 8.37 27.43
CA LEU A 28 8.22 9.57 28.21
C LEU A 28 8.08 9.27 29.69
N MET A 29 7.19 8.33 30.01
CA MET A 29 7.01 7.93 31.41
C MET A 29 8.20 7.04 31.72
N ILE A 30 9.10 7.54 32.54
CA ILE A 30 10.28 6.78 32.92
C ILE A 30 9.84 5.47 33.57
N SER A 31 8.60 5.46 34.06
CA SER A 31 8.05 4.28 34.71
C SER A 31 7.73 3.24 33.68
N ARG A 32 7.87 3.61 32.41
CA ARG A 32 7.59 2.68 31.33
C ARG A 32 8.93 2.22 30.75
N THR A 33 8.93 0.98 30.25
CA THR A 33 10.12 0.37 29.66
C THR A 33 10.09 0.38 28.13
N PRO A 34 10.90 1.23 27.50
CA PRO A 34 11.00 1.36 26.04
C PRO A 34 11.81 0.19 25.52
N GLU A 35 11.68 -0.08 24.23
CA GLU A 35 12.47 -1.14 23.66
C GLU A 35 12.36 -1.12 22.15
N VAL A 36 13.50 -1.08 21.49
CA VAL A 36 13.51 -1.11 20.05
C VAL A 36 13.51 -2.59 19.73
N THR A 37 12.68 -2.98 18.77
CA THR A 37 12.62 -4.38 18.39
C THR A 37 13.17 -4.67 16.98
N CYS A 38 13.92 -5.75 16.86
CA CYS A 38 14.53 -6.14 15.59
C CYS A 38 13.98 -7.49 15.16
N VAL A 39 13.01 -7.49 14.27
CA VAL A 39 12.43 -8.74 13.82
C VAL A 39 13.08 -9.25 12.56
N VAL A 40 13.28 -10.56 12.53
CA VAL A 40 13.86 -11.22 11.38
C VAL A 40 12.86 -12.26 10.90
N VAL A 41 12.52 -12.13 9.63
CA VAL A 41 11.56 -12.98 8.97
C VAL A 41 12.21 -13.73 7.84
N ASP A 42 11.49 -14.68 7.28
CA ASP A 42 12.03 -15.46 6.19
C ASP A 42 13.35 -16.08 6.64
N VAL A 43 13.18 -16.89 7.68
CA VAL A 43 14.26 -17.61 8.28
C VAL A 43 13.91 -19.03 7.89
N SER A 44 14.71 -19.60 7.01
CA SER A 44 14.48 -20.96 6.50
C SER A 44 14.46 -22.01 7.59
N HIS A 45 13.96 -23.19 7.28
CA HIS A 45 13.99 -24.26 8.27
C HIS A 45 15.34 -24.96 8.09
N GLU A 46 16.08 -24.54 7.06
CA GLU A 46 17.38 -25.09 6.72
C GLU A 46 18.51 -24.43 7.49
N ASP A 47 18.41 -23.11 7.64
CA ASP A 47 19.40 -22.35 8.39
C ASP A 47 18.62 -21.39 9.24
N PRO A 48 18.11 -21.87 10.36
CA PRO A 48 17.32 -21.13 11.34
C PRO A 48 18.20 -20.34 12.32
N GLU A 49 19.51 -20.44 12.12
CA GLU A 49 20.46 -19.76 12.97
C GLU A 49 20.47 -18.29 12.64
N VAL A 50 20.13 -17.45 13.62
CA VAL A 50 20.12 -16.02 13.40
C VAL A 50 21.01 -15.31 14.41
N LYS A 51 22.06 -14.66 13.94
CA LYS A 51 22.93 -13.97 14.86
C LYS A 51 22.71 -12.47 14.91
N PHE A 52 22.20 -12.01 16.05
CA PHE A 52 21.95 -10.60 16.27
C PHE A 52 23.09 -9.92 17.00
N ASN A 53 23.46 -8.73 16.53
CA ASN A 53 24.52 -7.90 17.14
C ASN A 53 23.92 -6.51 17.21
N TRP A 54 23.84 -5.94 18.39
CA TRP A 54 23.27 -4.62 18.47
C TRP A 54 24.34 -3.59 18.72
N TYR A 55 24.12 -2.40 18.20
CA TYR A 55 25.06 -1.32 18.36
C TYR A 55 24.38 0.00 18.64
N VAL A 56 24.84 0.68 19.69
CA VAL A 56 24.31 1.97 20.06
C VAL A 56 25.38 2.97 19.70
N ASP A 57 24.95 4.14 19.23
CA ASP A 57 25.85 5.20 18.81
C ASP A 57 27.21 4.71 18.36
N GLY A 58 27.26 3.51 17.76
CA GLY A 58 28.52 2.99 17.25
C GLY A 58 29.17 1.85 18.00
N VAL A 59 28.99 1.79 19.31
CA VAL A 59 29.59 0.73 20.10
C VAL A 59 28.61 -0.38 20.27
N GLU A 60 29.12 -1.56 20.59
CA GLU A 60 28.26 -2.71 20.78
C GLU A 60 27.64 -2.68 22.16
N VAL A 61 26.33 -2.87 22.18
CA VAL A 61 25.55 -2.87 23.42
C VAL A 61 25.71 -4.26 24.00
N HIS A 62 26.23 -5.13 23.17
CA HIS A 62 26.44 -6.50 23.55
C HIS A 62 25.11 -7.06 23.98
N ASN A 63 24.90 -7.06 25.29
CA ASN A 63 23.68 -7.60 25.80
C ASN A 63 22.74 -6.52 26.31
N ALA A 64 23.29 -5.56 27.05
CA ALA A 64 22.51 -4.46 27.65
C ALA A 64 21.16 -5.04 28.02
N LYS A 65 21.13 -6.37 28.03
CA LYS A 65 19.97 -7.22 28.30
C LYS A 65 19.09 -7.31 27.04
N THR A 66 19.66 -7.89 25.98
CA THR A 66 18.98 -8.07 24.71
C THR A 66 18.42 -9.47 24.67
N LYS A 67 17.20 -9.64 24.16
CA LYS A 67 16.62 -10.98 24.18
C LYS A 67 16.09 -11.57 22.88
N PRO A 68 16.39 -12.86 22.61
CA PRO A 68 15.89 -13.51 21.38
C PRO A 68 14.87 -14.67 21.52
N ARG A 69 15.05 -15.72 20.68
CA ARG A 69 14.24 -16.97 20.54
C ARG A 69 13.29 -17.01 19.29
N GLU A 70 13.10 -18.19 18.67
CA GLU A 70 12.32 -18.38 17.41
C GLU A 70 10.98 -19.05 17.41
N GLU A 71 10.20 -18.76 16.37
CA GLU A 71 8.83 -19.28 16.14
C GLU A 71 8.54 -19.59 14.64
N GLN A 72 7.50 -20.38 14.37
CA GLN A 72 7.16 -20.77 12.98
C GLN A 72 5.79 -20.29 12.48
N TYR A 73 5.78 -19.56 11.36
CA TYR A 73 4.55 -19.00 10.78
C TYR A 73 3.98 -19.58 9.44
N ASN A 74 4.47 -19.05 8.31
CA ASN A 74 4.09 -19.47 6.94
C ASN A 74 4.36 -20.93 6.89
N SER A 75 5.67 -21.13 6.78
CA SER A 75 6.33 -22.40 6.67
C SER A 75 7.76 -21.90 6.78
N THR A 76 7.87 -20.67 7.28
CA THR A 76 9.15 -20.01 7.45
C THR A 76 9.37 -19.70 8.92
N TYR A 77 10.54 -19.13 9.25
CA TYR A 77 10.85 -18.77 10.64
C TYR A 77 10.92 -17.28 10.89
N ARG A 78 10.74 -16.94 12.17
CA ARG A 78 10.76 -15.56 12.64
C ARG A 78 11.46 -15.47 14.01
N VAL A 79 12.57 -14.74 14.06
CA VAL A 79 13.32 -14.58 15.27
C VAL A 79 13.15 -13.15 15.69
N VAL A 80 13.37 -12.89 16.98
CA VAL A 80 13.18 -11.54 17.48
C VAL A 80 14.17 -11.16 18.58
N SER A 81 15.12 -10.29 18.32
CA SER A 81 15.98 -9.91 19.43
C SER A 81 15.41 -8.57 19.86
N VAL A 82 15.52 -8.27 21.14
CA VAL A 82 14.97 -7.03 21.64
C VAL A 82 15.81 -6.35 22.66
N LEU A 83 16.25 -5.14 22.32
CA LEU A 83 17.11 -4.33 23.17
C LEU A 83 16.28 -3.28 23.87
N THR A 84 16.45 -3.18 25.17
CA THR A 84 15.72 -2.19 25.92
C THR A 84 16.48 -0.88 25.76
N VAL A 85 15.76 0.18 25.45
CA VAL A 85 16.36 1.46 25.22
C VAL A 85 16.31 2.32 26.46
N LEU A 86 17.43 2.96 26.80
CA LEU A 86 17.47 3.85 27.96
C LEU A 86 16.80 5.19 27.61
N HIS A 87 15.80 5.58 28.37
CA HIS A 87 15.08 6.83 28.10
C HIS A 87 15.96 7.95 27.58
N GLN A 88 16.84 8.49 28.42
CA GLN A 88 17.74 9.55 27.97
C GLN A 88 18.27 9.18 26.63
N ASP A 89 19.18 8.21 26.61
CA ASP A 89 19.78 7.71 25.38
C ASP A 89 18.85 7.96 24.23
N TRP A 90 17.77 7.21 24.22
CA TRP A 90 16.78 7.33 23.16
C TRP A 90 16.42 8.76 22.82
N LEU A 91 15.94 9.48 23.84
CA LEU A 91 15.53 10.87 23.71
C LEU A 91 16.64 11.79 23.29
N ASN A 92 17.86 11.47 23.68
CA ASN A 92 19.00 12.31 23.30
C ASN A 92 19.41 12.04 21.88
N GLY A 93 18.67 11.15 21.21
CA GLY A 93 18.97 10.85 19.83
C GLY A 93 20.03 9.81 19.52
N LYS A 94 20.36 8.97 20.49
CA LYS A 94 21.35 7.92 20.26
C LYS A 94 20.82 7.06 19.12
N GLU A 95 21.70 6.50 18.29
CA GLU A 95 21.26 5.64 17.19
C GLU A 95 21.40 4.17 17.57
N TYR A 96 20.37 3.41 17.28
CA TYR A 96 20.36 2.01 17.63
C TYR A 96 20.47 1.14 16.40
N LYS A 97 21.58 0.40 16.32
CA LYS A 97 21.83 -0.48 15.19
C LYS A 97 21.64 -1.96 15.52
N CYS A 98 21.07 -2.67 14.56
CA CYS A 98 20.82 -4.09 14.72
C CYS A 98 21.45 -4.74 13.50
N LYS A 99 22.29 -5.75 13.75
CA LYS A 99 22.97 -6.46 12.68
C LYS A 99 22.61 -7.93 12.71
N VAL A 100 21.72 -8.31 11.81
CA VAL A 100 21.28 -9.70 11.68
C VAL A 100 22.08 -10.31 10.61
N SER A 101 22.48 -11.56 10.83
CA SER A 101 23.29 -12.30 9.88
C SER A 101 22.90 -13.76 9.91
N ASN A 102 22.38 -14.26 8.80
CA ASN A 102 21.98 -15.64 8.70
C ASN A 102 23.06 -16.31 7.88
N LYS A 103 22.94 -17.62 7.68
CA LYS A 103 23.91 -18.35 6.90
C LYS A 103 23.59 -18.12 5.44
N ALA A 104 22.30 -18.16 5.14
CA ALA A 104 21.82 -17.93 3.78
C ALA A 104 21.94 -16.47 3.44
N LEU A 105 22.62 -15.73 4.31
CA LEU A 105 22.79 -14.30 4.10
C LEU A 105 24.21 -14.00 3.67
N PRO A 106 24.38 -13.62 2.40
CA PRO A 106 25.66 -13.28 1.77
C PRO A 106 26.47 -12.35 2.63
N ALA A 107 25.79 -11.37 3.23
CA ALA A 107 26.43 -10.40 4.09
C ALA A 107 25.35 -9.87 5.02
N PRO A 108 25.64 -9.81 6.33
CA PRO A 108 24.70 -9.33 7.34
C PRO A 108 23.94 -8.05 7.03
N ILE A 109 22.71 -7.99 7.52
CA ILE A 109 21.84 -6.84 7.31
C ILE A 109 21.83 -5.91 8.52
N GLU A 110 22.12 -4.64 8.27
CA GLU A 110 22.15 -3.64 9.33
C GLU A 110 20.94 -2.71 9.26
N LYS A 111 20.31 -2.47 10.39
CA LYS A 111 19.17 -1.58 10.42
C LYS A 111 19.38 -0.71 11.62
N THR A 112 19.37 0.61 11.42
CA THR A 112 19.52 1.55 12.52
C THR A 112 18.21 2.28 12.62
N ILE A 113 17.91 2.74 13.83
CA ILE A 113 16.69 3.48 14.10
C ILE A 113 17.09 4.56 15.09
N SER A 114 16.37 5.68 15.08
CA SER A 114 16.72 6.76 16.00
C SER A 114 15.60 7.76 16.11
N LYS A 115 15.47 8.37 17.28
CA LYS A 115 14.44 9.37 17.50
C LYS A 115 14.66 10.53 16.55
N ALA A 116 13.56 11.04 15.99
CA ALA A 116 13.57 12.15 15.04
C ALA A 116 14.59 13.25 15.37
N LYS A 117 15.44 13.54 14.38
CA LYS A 117 16.48 14.54 14.52
C LYS A 117 15.87 15.94 14.66
N GLY A 118 16.68 16.90 15.15
CA GLY A 118 16.23 18.27 15.30
C GLY A 118 15.66 18.74 16.63
N GLN A 119 15.96 19.97 17.00
CA GLN A 119 15.46 20.53 18.27
C GLN A 119 13.95 20.42 18.30
N PRO A 120 13.40 20.14 19.48
CA PRO A 120 11.96 20.00 19.71
C PRO A 120 11.28 21.34 20.00
N ARG A 121 9.97 21.31 20.12
CA ARG A 121 9.20 22.53 20.41
C ARG A 121 8.04 22.29 21.37
N GLU A 122 7.98 23.13 22.40
CA GLU A 122 6.94 23.05 23.41
C GLU A 122 5.54 23.26 22.81
N PRO A 123 4.71 22.22 22.83
CA PRO A 123 3.35 22.28 22.29
C PRO A 123 2.43 23.23 23.05
N GLN A 124 1.81 24.17 22.34
CA GLN A 124 0.90 25.11 22.97
C GLN A 124 -0.51 24.54 22.89
N VAL A 125 -1.17 24.50 24.05
CA VAL A 125 -2.50 23.95 24.15
C VAL A 125 -3.51 25.04 24.45
N TYR A 126 -4.65 25.01 23.75
CA TYR A 126 -5.73 25.99 23.96
C TYR A 126 -7.09 25.30 23.89
N THR A 127 -7.88 25.45 24.94
CA THR A 127 -9.21 24.84 24.97
C THR A 127 -10.20 25.77 24.26
N LEU A 128 -10.89 25.25 23.25
CA LEU A 128 -11.84 26.07 22.51
C LEU A 128 -13.27 25.58 22.68
N PRO A 129 -14.05 26.29 23.51
CA PRO A 129 -15.46 25.94 23.79
C PRO A 129 -16.28 25.85 22.54
N PRO A 130 -17.35 25.04 22.57
CA PRO A 130 -18.25 24.85 21.42
C PRO A 130 -18.79 26.18 20.88
N SER A 131 -19.56 26.12 19.80
CA SER A 131 -20.14 27.34 19.21
C SER A 131 -21.66 27.36 19.33
N ARG A 132 -22.20 28.53 19.67
CA ARG A 132 -23.64 28.69 19.82
C ARG A 132 -24.37 28.08 18.65
N GLU A 133 -23.88 28.35 17.45
CA GLU A 133 -24.48 27.85 16.22
C GLU A 133 -24.81 26.36 16.32
N GLU A 134 -23.98 25.63 17.07
CA GLU A 134 -24.15 24.20 17.27
C GLU A 134 -24.91 23.91 18.57
N MET A 135 -25.20 24.96 19.33
CA MET A 135 -25.91 24.79 20.58
C MET A 135 -27.37 24.43 20.32
N THR A 136 -27.61 23.76 19.18
CA THR A 136 -28.95 23.35 18.79
C THR A 136 -29.05 21.84 18.97
N LYS A 137 -28.07 21.14 18.40
CA LYS A 137 -27.98 19.70 18.44
C LYS A 137 -27.95 19.22 19.90
N ASN A 138 -28.14 17.93 20.11
CA ASN A 138 -28.17 17.34 21.45
C ASN A 138 -26.82 17.06 22.10
N GLN A 139 -25.80 16.89 21.28
CA GLN A 139 -24.45 16.65 21.78
C GLN A 139 -23.66 17.92 21.51
N VAL A 140 -22.46 18.05 22.05
CA VAL A 140 -21.69 19.26 21.82
C VAL A 140 -20.21 19.07 21.56
N SER A 141 -19.74 19.74 20.52
CA SER A 141 -18.35 19.63 20.12
C SER A 141 -17.36 20.49 20.93
N LEU A 142 -16.73 19.85 21.90
CA LEU A 142 -15.72 20.51 22.70
C LEU A 142 -14.46 20.33 21.87
N THR A 143 -13.51 21.25 21.96
CA THR A 143 -12.29 21.14 21.15
C THR A 143 -11.00 21.57 21.87
N CYS A 144 -9.86 21.02 21.46
CA CYS A 144 -8.58 21.36 22.08
C CYS A 144 -7.43 21.20 21.11
N LEU A 145 -7.00 22.30 20.52
CA LEU A 145 -5.90 22.19 19.58
C LEU A 145 -4.58 22.36 20.29
N VAL A 146 -3.58 21.71 19.72
CA VAL A 146 -2.24 21.79 20.25
C VAL A 146 -1.43 22.11 18.99
N LYS A 147 -0.57 23.10 19.08
CA LYS A 147 0.20 23.48 17.92
C LYS A 147 1.60 23.85 18.29
N GLY A 148 2.45 23.93 17.27
CA GLY A 148 3.83 24.32 17.49
C GLY A 148 4.65 23.34 18.30
N PHE A 149 4.37 22.04 18.17
CA PHE A 149 5.13 21.03 18.90
C PHE A 149 5.92 20.16 17.94
N TYR A 150 7.04 19.64 18.42
CA TYR A 150 7.91 18.82 17.59
C TYR A 150 8.74 17.88 18.41
N PRO A 151 8.74 16.59 18.06
CA PRO A 151 7.95 16.09 16.93
C PRO A 151 6.55 15.58 17.23
N SER A 152 5.97 15.02 16.18
CA SER A 152 4.62 14.48 16.16
C SER A 152 4.32 13.43 17.21
N ASP A 153 5.29 13.16 18.06
CA ASP A 153 5.09 12.17 19.10
C ASP A 153 4.20 12.74 20.21
N ILE A 154 2.90 12.51 20.10
CA ILE A 154 1.98 13.04 21.10
C ILE A 154 0.72 12.22 21.29
N ALA A 155 0.21 12.24 22.52
CA ALA A 155 -1.02 11.53 22.87
C ALA A 155 -1.83 12.52 23.68
N VAL A 156 -3.15 12.47 23.48
CA VAL A 156 -4.05 13.37 24.19
C VAL A 156 -5.36 12.68 24.57
N GLU A 157 -5.63 12.56 25.87
CA GLU A 157 -6.86 11.95 26.36
C GLU A 157 -7.71 13.05 26.98
N TRP A 158 -8.81 12.67 27.62
CA TRP A 158 -9.66 13.68 28.23
C TRP A 158 -10.22 13.35 29.60
N GLU A 159 -9.62 13.98 30.60
CA GLU A 159 -10.03 13.80 31.97
C GLU A 159 -11.26 14.67 32.13
N SER A 160 -12.39 14.03 32.37
CA SER A 160 -13.67 14.71 32.53
C SER A 160 -14.09 14.78 33.99
N ASN A 161 -13.84 13.70 34.72
CA ASN A 161 -14.18 13.59 36.14
C ASN A 161 -13.21 12.54 36.71
N GLY A 162 -11.92 12.74 36.46
CA GLY A 162 -10.94 11.77 36.92
C GLY A 162 -11.24 10.48 36.19
N GLN A 163 -11.66 10.61 34.94
CA GLN A 163 -12.02 9.47 34.10
C GLN A 163 -11.54 9.60 32.67
N PRO A 164 -11.52 8.47 31.93
CA PRO A 164 -11.10 8.36 30.53
C PRO A 164 -12.29 8.31 29.54
N GLU A 165 -13.02 9.41 29.41
CA GLU A 165 -14.19 9.48 28.53
C GLU A 165 -14.14 8.67 27.24
N ASN A 166 -15.31 8.23 26.81
CA ASN A 166 -15.46 7.41 25.60
C ASN A 166 -15.34 8.21 24.30
N ASN A 167 -16.50 8.49 23.69
CA ASN A 167 -16.56 9.21 22.42
C ASN A 167 -15.84 10.54 22.31
N TYR A 168 -14.59 10.48 21.88
CA TYR A 168 -13.78 11.67 21.67
C TYR A 168 -12.78 11.30 20.60
N LYS A 169 -12.81 12.04 19.50
CA LYS A 169 -11.89 11.76 18.43
C LYS A 169 -10.83 12.83 18.39
N THR A 170 -9.66 12.44 17.91
CA THR A 170 -8.55 13.35 17.81
C THR A 170 -7.97 13.15 16.43
N THR A 171 -7.42 14.21 15.87
CA THR A 171 -6.85 14.14 14.55
C THR A 171 -5.37 13.90 14.68
N PRO A 172 -4.75 13.43 13.60
CA PRO A 172 -3.32 13.20 13.69
C PRO A 172 -2.62 14.51 13.43
N PRO A 173 -1.47 14.72 14.03
CA PRO A 173 -0.77 15.97 13.79
C PRO A 173 -0.63 16.26 12.31
N VAL A 174 -0.61 17.55 11.98
CA VAL A 174 -0.47 18.03 10.61
C VAL A 174 0.66 19.04 10.60
N LEU A 175 1.54 18.94 9.61
CA LEU A 175 2.68 19.86 9.55
C LEU A 175 2.23 21.30 9.28
N ASP A 176 2.76 22.24 10.08
CA ASP A 176 2.42 23.65 9.95
C ASP A 176 3.40 24.35 9.02
N SER A 177 3.46 25.68 9.09
CA SER A 177 4.38 26.45 8.25
C SER A 177 5.74 26.57 8.95
N ASP A 178 5.72 26.57 10.29
CA ASP A 178 6.93 26.65 11.10
C ASP A 178 7.86 25.53 10.72
N GLY A 179 7.52 24.37 11.28
CA GLY A 179 8.26 23.15 11.06
C GLY A 179 7.61 22.20 12.04
N SER A 180 6.82 22.79 12.93
CA SER A 180 6.11 22.05 13.97
C SER A 180 4.85 21.42 13.41
N PHE A 181 4.02 20.91 14.31
CA PHE A 181 2.78 20.25 13.92
C PHE A 181 1.65 20.74 14.83
N PHE A 182 0.42 20.41 14.46
CA PHE A 182 -0.74 20.77 15.28
C PHE A 182 -1.76 19.67 15.08
N LEU A 183 -2.82 19.69 15.88
CA LEU A 183 -3.84 18.66 15.79
C LEU A 183 -4.96 19.01 16.76
N TYR A 184 -6.19 18.71 16.40
CA TYR A 184 -7.28 19.06 17.28
C TYR A 184 -7.65 17.89 18.16
N SER A 185 -8.92 17.81 18.55
CA SER A 185 -9.33 16.73 19.43
C SER A 185 -10.77 16.86 19.87
N LYS A 186 -11.68 17.14 18.95
CA LYS A 186 -13.07 17.30 19.33
C LYS A 186 -13.58 16.22 20.27
N LEU A 187 -13.91 16.65 21.48
CA LEU A 187 -14.47 15.76 22.50
C LEU A 187 -15.96 16.05 22.61
N THR A 188 -16.75 15.00 22.51
CA THR A 188 -18.20 15.13 22.58
C THR A 188 -18.68 14.90 23.99
N VAL A 189 -19.95 15.18 24.24
CA VAL A 189 -20.65 15.01 25.52
C VAL A 189 -22.08 15.43 25.30
N ASP A 190 -23.02 14.71 25.89
CA ASP A 190 -24.43 15.04 25.74
C ASP A 190 -24.53 16.54 26.06
N LYS A 191 -25.57 17.19 25.55
CA LYS A 191 -25.73 18.63 25.81
C LYS A 191 -25.84 18.84 27.31
N SER A 192 -26.89 18.24 27.90
CA SER A 192 -27.14 18.32 29.33
C SER A 192 -25.83 18.53 30.08
N ARG A 193 -24.97 17.53 30.06
CA ARG A 193 -23.68 17.57 30.73
C ARG A 193 -23.11 18.98 30.69
N TRP A 194 -22.46 19.32 29.58
CA TRP A 194 -21.88 20.65 29.42
C TRP A 194 -22.94 21.69 29.72
N GLN A 195 -24.06 21.55 29.03
CA GLN A 195 -25.18 22.48 29.19
C GLN A 195 -25.28 22.98 30.63
N GLN A 196 -25.73 22.10 31.52
CA GLN A 196 -25.90 22.46 32.93
C GLN A 196 -24.60 22.65 33.69
N GLY A 197 -23.64 23.32 33.04
CA GLY A 197 -22.36 23.62 33.63
C GLY A 197 -21.48 22.52 34.19
N ASN A 198 -20.54 22.04 33.36
CA ASN A 198 -19.61 20.99 33.77
C ASN A 198 -18.22 21.36 33.23
N VAL A 199 -17.18 20.67 33.71
CA VAL A 199 -15.81 20.96 33.28
C VAL A 199 -15.04 19.76 32.72
N PHE A 200 -13.95 20.03 32.01
CA PHE A 200 -13.12 18.99 31.44
C PHE A 200 -11.75 19.57 31.20
N SER A 201 -10.89 18.74 30.59
CA SER A 201 -9.52 19.13 30.24
C SER A 201 -8.95 18.08 29.30
N CYS A 202 -8.12 18.51 28.35
CA CYS A 202 -7.49 17.54 27.47
C CYS A 202 -6.10 17.31 28.03
N SER A 203 -5.61 16.08 27.93
CA SER A 203 -4.28 15.77 28.44
C SER A 203 -3.33 15.82 27.27
N VAL A 204 -2.19 16.48 27.46
CA VAL A 204 -1.23 16.55 26.36
C VAL A 204 0.13 16.04 26.80
N MET A 205 0.72 15.15 26.01
CA MET A 205 2.04 14.61 26.33
C MET A 205 3.05 14.72 25.20
N HIS A 206 4.11 15.48 25.44
CA HIS A 206 5.18 15.66 24.46
C HIS A 206 6.48 15.60 25.24
N GLU A 207 7.61 15.50 24.52
CA GLU A 207 8.90 15.41 25.16
C GLU A 207 9.37 16.78 25.60
N ALA A 208 8.41 17.66 25.79
CA ALA A 208 8.70 19.01 26.21
C ALA A 208 8.23 19.20 27.65
N LEU A 209 6.99 19.64 27.78
CA LEU A 209 6.31 19.90 29.06
C LEU A 209 7.11 19.56 30.31
N HIS A 210 7.05 20.44 31.31
CA HIS A 210 7.76 20.24 32.57
C HIS A 210 8.09 18.77 32.71
N ASN A 211 7.08 17.97 33.06
CA ASN A 211 7.23 16.53 33.22
C ASN A 211 6.56 15.87 32.03
N HIS A 212 6.94 16.28 30.83
CA HIS A 212 6.36 15.73 29.62
C HIS A 212 4.84 15.70 29.78
N TYR A 213 4.33 16.57 30.64
CA TYR A 213 2.90 16.65 30.91
C TYR A 213 2.38 18.03 31.24
N THR A 214 1.16 18.29 30.75
CA THR A 214 0.43 19.54 30.97
C THR A 214 -1.04 19.33 30.63
N GLN A 215 -1.92 20.02 31.36
CA GLN A 215 -3.35 19.89 31.16
C GLN A 215 -4.02 21.27 31.16
N LYS A 216 -5.04 21.41 30.33
CA LYS A 216 -5.78 22.67 30.22
C LYS A 216 -7.25 22.35 30.41
N SER A 217 -7.91 23.13 31.25
CA SER A 217 -9.33 22.94 31.54
C SER A 217 -10.29 23.73 30.62
N LEU A 218 -11.52 23.26 30.53
CA LEU A 218 -12.51 23.93 29.70
C LEU A 218 -13.91 23.59 30.16
N SER A 219 -14.65 24.64 30.51
CA SER A 219 -16.04 24.55 30.96
C SER A 219 -16.78 25.78 30.43
N LEU A 220 -18.02 25.98 30.89
CA LEU A 220 -18.81 27.14 30.46
C LEU A 220 -18.33 28.42 31.14
N SER A 221 -19.16 29.45 31.07
CA SER A 221 -18.89 30.77 31.66
C SER A 221 -18.01 31.65 30.76
N ALA B 8 22.04 2.47 -12.58
CA ALA B 8 20.74 2.27 -13.29
C ALA B 8 19.75 1.47 -12.45
N PRO B 9 18.47 1.41 -12.89
CA PRO B 9 17.44 0.67 -12.16
C PRO B 9 17.04 -0.63 -12.83
N GLU B 10 17.35 -1.76 -12.20
CA GLU B 10 16.98 -3.06 -12.75
C GLU B 10 15.48 -3.08 -12.48
N LEU B 11 14.69 -3.64 -13.38
CA LEU B 11 13.26 -3.60 -13.13
C LEU B 11 12.50 -4.91 -13.14
N LEU B 12 13.23 -6.02 -13.09
CA LEU B 12 12.59 -7.32 -13.08
C LEU B 12 11.27 -7.19 -12.33
N GLY B 13 10.19 -7.02 -13.07
CA GLY B 13 8.90 -6.84 -12.45
C GLY B 13 8.02 -5.85 -13.20
N GLY B 14 6.74 -6.19 -13.29
CA GLY B 14 5.81 -5.36 -14.00
C GLY B 14 5.71 -3.92 -13.53
N PRO B 15 6.31 -2.97 -14.26
CA PRO B 15 6.24 -1.56 -13.87
C PRO B 15 4.85 -1.30 -13.32
N SER B 16 4.78 -1.00 -12.03
CA SER B 16 3.51 -0.78 -11.36
C SER B 16 2.62 0.33 -11.91
N VAL B 17 1.36 0.27 -11.48
CA VAL B 17 0.37 1.23 -11.91
C VAL B 17 -0.38 1.83 -10.73
N PHE B 18 -0.62 3.13 -10.79
CA PHE B 18 -1.34 3.86 -9.77
C PHE B 18 -2.38 4.75 -10.40
N LEU B 19 -3.60 4.70 -9.89
CA LEU B 19 -4.69 5.50 -10.42
C LEU B 19 -5.24 6.37 -9.32
N PHE B 20 -5.32 7.67 -9.58
CA PHE B 20 -5.83 8.61 -8.60
C PHE B 20 -7.11 9.27 -9.04
N PRO B 21 -8.08 9.39 -8.12
CA PRO B 21 -9.37 10.01 -8.39
C PRO B 21 -9.29 11.51 -8.73
N PRO B 22 -10.43 12.19 -8.71
CA PRO B 22 -10.39 13.61 -9.03
C PRO B 22 -10.54 14.45 -7.75
N LYS B 23 -10.22 15.75 -7.83
CA LYS B 23 -10.32 16.66 -6.68
C LYS B 23 -11.80 16.97 -6.37
N PRO B 24 -12.21 16.82 -5.10
CA PRO B 24 -13.57 17.06 -4.61
C PRO B 24 -14.23 18.33 -5.12
N LYS B 25 -13.49 19.43 -5.10
CA LYS B 25 -14.03 20.69 -5.58
C LYS B 25 -14.42 20.49 -7.05
N ASP B 26 -13.41 20.31 -7.88
CA ASP B 26 -13.59 20.08 -9.32
C ASP B 26 -14.83 19.25 -9.60
N THR B 27 -15.13 18.30 -8.72
CA THR B 27 -16.29 17.44 -8.90
C THR B 27 -17.59 18.16 -8.56
N LEU B 28 -17.53 18.96 -7.51
CA LEU B 28 -18.70 19.70 -7.01
C LEU B 28 -19.06 21.00 -7.76
N MET B 29 -18.05 21.68 -8.30
CA MET B 29 -18.26 22.92 -9.06
C MET B 29 -18.54 22.53 -10.51
N ILE B 30 -19.77 22.76 -10.97
CA ILE B 30 -20.18 22.41 -12.34
C ILE B 30 -19.36 23.08 -13.44
N SER B 31 -18.47 24.00 -13.05
CA SER B 31 -17.64 24.73 -13.99
C SER B 31 -16.21 24.19 -13.99
N ARG B 32 -15.96 23.20 -13.14
CA ARG B 32 -14.64 22.60 -13.04
C ARG B 32 -14.60 21.21 -13.71
N THR B 33 -13.48 20.95 -14.39
CA THR B 33 -13.25 19.70 -15.11
C THR B 33 -12.53 18.65 -14.26
N PRO B 34 -13.28 17.76 -13.61
CA PRO B 34 -12.57 16.76 -12.81
C PRO B 34 -11.97 15.68 -13.70
N GLU B 35 -10.66 15.50 -13.58
CA GLU B 35 -9.96 14.49 -14.38
C GLU B 35 -9.33 13.42 -13.46
N VAL B 36 -9.60 12.16 -13.76
CA VAL B 36 -9.04 11.03 -13.03
C VAL B 36 -7.75 10.65 -13.72
N THR B 37 -6.70 10.34 -12.97
CA THR B 37 -5.44 10.00 -13.61
C THR B 37 -4.81 8.65 -13.29
N CYS B 38 -4.37 7.99 -14.35
CA CYS B 38 -3.74 6.69 -14.26
C CYS B 38 -2.25 6.85 -14.46
N VAL B 39 -1.52 6.92 -13.36
CA VAL B 39 -0.08 7.08 -13.42
C VAL B 39 0.55 5.71 -13.54
N VAL B 40 1.64 5.64 -14.29
CA VAL B 40 2.33 4.39 -14.47
C VAL B 40 3.82 4.68 -14.32
N VAL B 41 4.47 3.98 -13.41
CA VAL B 41 5.88 4.21 -13.17
C VAL B 41 6.67 2.99 -13.50
N ASP B 42 7.98 3.11 -13.38
CA ASP B 42 8.85 1.98 -13.66
C ASP B 42 8.75 1.61 -15.12
N VAL B 43 8.56 2.57 -16.02
CA VAL B 43 8.46 2.20 -17.42
C VAL B 43 9.81 1.88 -18.04
N SER B 44 9.85 0.70 -18.66
CA SER B 44 11.06 0.18 -19.29
C SER B 44 11.75 1.09 -20.25
N HIS B 45 12.98 1.46 -19.92
CA HIS B 45 13.75 2.31 -20.80
C HIS B 45 13.63 1.62 -22.16
N GLU B 46 14.07 0.37 -22.20
CA GLU B 46 14.06 -0.43 -23.42
C GLU B 46 12.73 -1.14 -23.63
N ASP B 47 11.63 -0.40 -23.52
CA ASP B 47 10.30 -0.95 -23.73
C ASP B 47 9.28 0.02 -23.14
N PRO B 48 9.35 1.28 -23.57
CA PRO B 48 8.40 2.25 -23.03
C PRO B 48 7.14 2.45 -23.81
N GLU B 49 6.38 3.43 -23.33
CA GLU B 49 5.10 3.82 -23.89
C GLU B 49 4.12 2.67 -23.75
N VAL B 50 2.99 2.98 -23.14
CA VAL B 50 1.95 2.01 -22.88
C VAL B 50 0.61 2.37 -23.47
N LYS B 51 -0.23 1.38 -23.61
CA LYS B 51 -1.56 1.59 -24.14
C LYS B 51 -2.50 1.44 -22.95
N PHE B 52 -3.41 2.39 -22.79
CA PHE B 52 -4.37 2.34 -21.69
C PHE B 52 -5.74 1.93 -22.19
N ASN B 53 -6.67 1.72 -21.27
CA ASN B 53 -8.03 1.33 -21.62
C ASN B 53 -8.94 1.71 -20.46
N TRP B 54 -9.78 2.73 -20.66
CA TRP B 54 -10.66 3.16 -19.59
C TRP B 54 -12.07 2.62 -19.71
N TYR B 55 -12.53 1.93 -18.68
CA TYR B 55 -13.86 1.34 -18.68
C TYR B 55 -14.83 2.01 -17.72
N VAL B 56 -15.61 2.94 -18.26
CA VAL B 56 -16.59 3.67 -17.49
C VAL B 56 -17.71 2.75 -17.01
N ASP B 57 -17.60 2.30 -15.77
CA ASP B 57 -18.59 1.41 -15.18
C ASP B 57 -18.81 0.11 -15.96
N GLY B 58 -18.42 0.12 -17.23
CA GLY B 58 -18.57 -1.07 -18.04
C GLY B 58 -17.87 -0.96 -19.36
N VAL B 59 -18.38 -0.08 -20.23
CA VAL B 59 -17.81 0.09 -21.56
C VAL B 59 -16.59 0.99 -21.67
N GLU B 60 -15.76 0.70 -22.67
CA GLU B 60 -14.56 1.47 -22.92
C GLU B 60 -14.94 2.91 -23.21
N VAL B 61 -14.00 3.69 -23.75
CA VAL B 61 -14.21 5.09 -24.08
C VAL B 61 -12.92 5.68 -24.66
N HIS B 62 -12.45 5.04 -25.72
CA HIS B 62 -11.25 5.44 -26.42
C HIS B 62 -11.31 6.90 -26.85
N ASN B 63 -12.47 7.29 -27.41
CA ASN B 63 -12.68 8.67 -27.89
C ASN B 63 -12.27 9.73 -26.88
N ALA B 64 -11.59 10.76 -27.39
CA ALA B 64 -11.11 11.90 -26.63
C ALA B 64 -10.48 11.52 -25.30
N LYS B 65 -11.32 11.32 -24.30
CA LYS B 65 -10.94 10.94 -22.95
C LYS B 65 -9.63 10.14 -22.96
N THR B 66 -8.53 10.87 -23.13
CA THR B 66 -7.19 10.31 -23.23
C THR B 66 -6.23 11.48 -23.12
N LYS B 67 -5.03 11.23 -22.60
CA LYS B 67 -4.02 12.28 -22.49
C LYS B 67 -2.69 11.84 -21.86
N PRO B 68 -1.74 11.39 -22.70
CA PRO B 68 -0.44 10.96 -22.16
C PRO B 68 0.56 12.09 -21.95
N ARG B 69 1.73 11.96 -22.58
CA ARG B 69 2.85 12.91 -22.53
C ARG B 69 3.97 12.42 -21.63
N GLU B 70 4.69 11.42 -22.14
CA GLU B 70 5.82 10.79 -21.46
C GLU B 70 6.69 11.76 -20.66
N GLU B 71 7.45 11.24 -19.69
CA GLU B 71 8.35 12.09 -18.89
C GLU B 71 9.29 11.29 -17.99
N GLN B 72 10.57 11.32 -18.34
CA GLN B 72 11.61 10.60 -17.61
C GLN B 72 11.62 10.93 -16.12
N TYR B 73 12.43 10.20 -15.36
CA TYR B 73 12.53 10.40 -13.93
C TYR B 73 13.85 9.92 -13.31
N ASN B 74 13.73 9.35 -12.11
CA ASN B 74 14.84 8.81 -11.31
C ASN B 74 15.91 8.12 -12.16
N SER B 75 15.45 7.24 -13.06
CA SER B 75 16.32 6.50 -13.97
C SER B 75 15.41 5.61 -14.80
N THR B 76 14.15 5.99 -14.85
CA THR B 76 13.11 5.26 -15.57
C THR B 76 12.06 6.28 -15.99
N TYR B 77 11.22 5.91 -16.95
CA TYR B 77 10.18 6.82 -17.45
C TYR B 77 8.89 6.78 -16.61
N ARG B 78 7.92 7.59 -17.00
CA ARG B 78 6.64 7.66 -16.30
C ARG B 78 5.55 8.19 -17.21
N VAL B 79 4.58 7.34 -17.53
CA VAL B 79 3.46 7.72 -18.40
C VAL B 79 2.17 7.85 -17.58
N VAL B 80 1.33 8.81 -17.97
CA VAL B 80 0.08 9.04 -17.26
C VAL B 80 -1.10 9.25 -18.17
N SER B 81 -2.25 8.71 -17.76
CA SER B 81 -3.47 8.83 -18.55
C SER B 81 -4.53 9.60 -17.81
N VAL B 82 -4.83 10.78 -18.32
CA VAL B 82 -5.84 11.67 -17.77
C VAL B 82 -7.16 11.38 -18.45
N LEU B 83 -8.23 11.42 -17.68
CA LEU B 83 -9.54 11.14 -18.26
C LEU B 83 -10.60 12.05 -17.66
N THR B 84 -10.89 13.15 -18.34
CA THR B 84 -11.89 14.07 -17.86
C THR B 84 -13.19 13.31 -17.59
N VAL B 85 -13.64 13.36 -16.35
CA VAL B 85 -14.83 12.66 -15.90
C VAL B 85 -16.15 13.37 -16.21
N LEU B 86 -17.22 12.90 -15.57
CA LEU B 86 -18.55 13.47 -15.72
C LEU B 86 -19.13 13.70 -14.34
N HIS B 87 -18.99 14.94 -13.86
CA HIS B 87 -19.44 15.35 -12.54
C HIS B 87 -20.49 14.41 -11.96
N GLN B 88 -21.68 14.45 -12.53
CA GLN B 88 -22.75 13.59 -12.07
C GLN B 88 -22.20 12.16 -11.97
N ASP B 89 -21.80 11.60 -13.12
CA ASP B 89 -21.24 10.25 -13.18
C ASP B 89 -20.43 9.98 -11.90
N TRP B 90 -19.21 10.50 -11.90
CA TRP B 90 -18.32 10.34 -10.76
C TRP B 90 -19.14 10.50 -9.49
N LEU B 91 -19.53 11.73 -9.23
CA LEU B 91 -20.31 12.04 -8.04
C LEU B 91 -21.51 11.11 -7.85
N ASN B 92 -21.74 10.23 -8.82
CA ASN B 92 -22.86 9.31 -8.72
C ASN B 92 -22.45 7.87 -8.41
N GLY B 93 -21.21 7.52 -8.73
CA GLY B 93 -20.73 6.17 -8.45
C GLY B 93 -20.02 5.47 -9.58
N LYS B 94 -19.94 6.13 -10.73
CA LYS B 94 -19.28 5.55 -11.89
C LYS B 94 -17.87 5.05 -11.55
N GLU B 95 -17.70 3.74 -11.70
CA GLU B 95 -16.44 3.05 -11.41
C GLU B 95 -15.47 3.17 -12.58
N TYR B 96 -14.47 4.03 -12.40
CA TYR B 96 -13.49 4.26 -13.45
C TYR B 96 -12.33 3.28 -13.41
N LYS B 97 -12.18 2.53 -14.49
CA LYS B 97 -11.14 1.54 -14.62
C LYS B 97 -10.08 1.98 -15.60
N CYS B 98 -8.84 1.57 -15.32
CA CYS B 98 -7.71 1.90 -16.18
C CYS B 98 -6.96 0.60 -16.37
N LYS B 99 -6.46 0.35 -17.56
CA LYS B 99 -5.74 -0.89 -17.85
C LYS B 99 -4.44 -0.65 -18.60
N VAL B 100 -3.33 -0.73 -17.86
CA VAL B 100 -2.02 -0.48 -18.44
C VAL B 100 -1.39 -1.73 -19.00
N SER B 101 -0.87 -1.61 -20.22
CA SER B 101 -0.26 -2.73 -20.92
C SER B 101 1.12 -2.40 -21.48
N ASN B 102 2.17 -2.91 -20.86
CA ASN B 102 3.53 -2.67 -21.34
C ASN B 102 4.07 -4.00 -21.83
N LYS B 103 4.74 -4.02 -22.97
CA LYS B 103 5.29 -5.25 -23.51
C LYS B 103 6.36 -5.77 -22.55
N ALA B 104 6.38 -5.23 -21.34
CA ALA B 104 7.34 -5.64 -20.35
C ALA B 104 6.65 -6.33 -19.16
N LEU B 105 5.39 -6.68 -19.35
CA LEU B 105 4.57 -7.38 -18.38
C LEU B 105 4.07 -8.66 -19.04
N PRO B 106 3.66 -9.66 -18.25
CA PRO B 106 3.16 -10.91 -18.82
C PRO B 106 1.76 -10.67 -19.38
N ALA B 107 1.11 -9.66 -18.81
CA ALA B 107 -0.24 -9.27 -19.19
C ALA B 107 -0.46 -7.88 -18.58
N PRO B 108 -1.67 -7.30 -18.79
CA PRO B 108 -2.06 -5.98 -18.31
C PRO B 108 -2.50 -5.89 -16.84
N ILE B 109 -2.39 -4.69 -16.29
CA ILE B 109 -2.77 -4.43 -14.92
C ILE B 109 -4.01 -3.56 -14.88
N GLU B 110 -4.98 -3.98 -14.08
CA GLU B 110 -6.27 -3.31 -13.95
C GLU B 110 -6.58 -2.69 -12.59
N LYS B 111 -6.53 -1.35 -12.52
CA LYS B 111 -6.84 -0.64 -11.30
C LYS B 111 -8.22 0.01 -11.50
N THR B 112 -9.08 -0.12 -10.50
CA THR B 112 -10.42 0.43 -10.58
C THR B 112 -10.81 1.25 -9.36
N ILE B 113 -11.00 2.55 -9.54
CA ILE B 113 -11.36 3.43 -8.44
C ILE B 113 -12.72 4.11 -8.63
N SER B 114 -13.44 4.28 -7.53
CA SER B 114 -14.75 4.90 -7.57
C SER B 114 -15.15 5.56 -6.26
N LYS B 115 -16.09 6.51 -6.35
CA LYS B 115 -16.59 7.25 -5.20
C LYS B 115 -17.04 6.28 -4.11
N ALA B 116 -16.62 6.52 -2.87
CA ALA B 116 -16.99 5.67 -1.77
C ALA B 116 -18.50 5.46 -1.70
N LYS B 117 -18.91 4.28 -1.26
CA LYS B 117 -20.33 3.95 -1.17
C LYS B 117 -20.85 4.06 0.25
N GLY B 118 -21.95 4.78 0.40
CA GLY B 118 -22.56 4.95 1.70
C GLY B 118 -23.43 6.19 1.75
N GLN B 119 -24.51 6.11 2.53
CA GLN B 119 -25.45 7.21 2.71
C GLN B 119 -24.76 8.57 2.75
N PRO B 120 -24.80 9.32 1.65
CA PRO B 120 -24.15 10.63 1.66
C PRO B 120 -24.64 11.47 2.83
N ARG B 121 -23.74 12.22 3.45
CA ARG B 121 -24.10 13.05 4.60
C ARG B 121 -23.76 14.53 4.50
N GLU B 122 -24.74 15.36 4.86
CA GLU B 122 -24.59 16.81 4.85
C GLU B 122 -23.83 17.26 6.07
N PRO B 123 -22.71 17.95 5.85
CA PRO B 123 -21.83 18.46 6.91
C PRO B 123 -22.51 19.39 7.90
N GLN B 124 -21.67 20.14 8.61
CA GLN B 124 -22.10 21.13 9.60
C GLN B 124 -20.84 21.92 9.85
N VAL B 125 -20.82 23.20 9.49
CA VAL B 125 -19.63 23.99 9.74
C VAL B 125 -19.82 24.93 10.92
N TYR B 126 -18.88 24.91 11.85
CA TYR B 126 -18.92 25.79 13.00
C TYR B 126 -17.59 26.49 13.06
N THR B 127 -17.62 27.80 13.31
CA THR B 127 -16.40 28.58 13.41
C THR B 127 -16.11 28.87 14.87
N LEU B 128 -14.88 28.61 15.27
CA LEU B 128 -14.46 28.83 16.64
C LEU B 128 -13.39 29.90 16.75
N PRO B 129 -13.60 30.87 17.65
CA PRO B 129 -12.67 31.97 17.88
C PRO B 129 -11.48 31.48 18.68
N PRO B 130 -10.27 31.99 18.39
CA PRO B 130 -9.12 31.53 19.16
C PRO B 130 -9.38 31.60 20.67
N SER B 131 -8.57 30.90 21.46
CA SER B 131 -8.74 30.90 22.91
C SER B 131 -8.06 32.11 23.53
N ARG B 132 -8.71 32.69 24.53
CA ARG B 132 -8.15 33.85 25.18
C ARG B 132 -6.65 33.61 25.44
N GLU B 133 -6.35 32.48 26.07
CA GLU B 133 -4.98 32.13 26.41
C GLU B 133 -4.00 32.21 25.24
N GLU B 134 -4.52 32.35 24.02
CA GLU B 134 -3.64 32.45 22.85
C GLU B 134 -3.35 33.91 22.52
N MET B 135 -4.20 34.80 23.02
CA MET B 135 -4.03 36.24 22.78
C MET B 135 -2.61 36.70 23.07
N THR B 136 -1.93 35.96 23.93
CA THR B 136 -0.56 36.26 24.30
C THR B 136 0.32 36.20 23.04
N LYS B 137 -0.17 35.53 22.00
CA LYS B 137 0.58 35.38 20.76
C LYS B 137 0.47 36.56 19.81
N ASN B 138 1.34 36.56 18.80
CA ASN B 138 1.39 37.60 17.78
C ASN B 138 0.64 37.16 16.53
N GLN B 139 -0.20 36.14 16.70
CA GLN B 139 -1.04 35.56 15.66
C GLN B 139 -2.02 34.62 16.35
N VAL B 140 -3.30 34.95 16.34
CA VAL B 140 -4.28 34.07 16.99
C VAL B 140 -4.60 33.00 15.97
N SER B 141 -5.44 32.04 16.34
CA SER B 141 -5.78 30.99 15.39
C SER B 141 -7.28 30.80 15.24
N LEU B 142 -7.77 31.29 14.09
CA LEU B 142 -9.18 31.19 13.76
C LEU B 142 -9.44 29.75 13.38
N THR B 143 -10.21 29.07 14.20
CA THR B 143 -10.50 27.66 13.96
C THR B 143 -11.92 27.30 13.60
N CYS B 144 -12.10 26.63 12.46
CA CYS B 144 -13.43 26.18 12.09
C CYS B 144 -13.47 24.68 11.88
N LEU B 145 -14.45 24.08 12.53
CA LEU B 145 -14.68 22.67 12.49
C LEU B 145 -15.55 22.36 11.30
N VAL B 146 -15.74 21.07 11.06
CA VAL B 146 -16.57 20.59 9.97
C VAL B 146 -16.91 19.15 10.32
N LYS B 147 -17.99 18.94 11.07
CA LYS B 147 -18.37 17.59 11.48
C LYS B 147 -19.53 16.94 10.73
N GLY B 148 -19.90 15.76 11.20
CA GLY B 148 -21.00 14.98 10.65
C GLY B 148 -21.27 14.92 9.15
N PHE B 149 -20.29 14.49 8.35
CA PHE B 149 -20.49 14.37 6.91
C PHE B 149 -19.91 13.10 6.32
N TYR B 150 -20.25 12.81 5.07
CA TYR B 150 -19.79 11.62 4.36
C TYR B 150 -20.15 11.75 2.90
N PRO B 151 -19.25 11.37 1.99
CA PRO B 151 -17.92 10.82 2.22
C PRO B 151 -16.86 11.81 2.69
N SER B 152 -15.66 11.28 2.83
CA SER B 152 -14.50 12.01 3.28
C SER B 152 -14.05 13.08 2.31
N ASP B 153 -14.60 13.07 1.10
CA ASP B 153 -14.19 14.06 0.13
C ASP B 153 -14.80 15.39 0.53
N ILE B 154 -14.02 16.47 0.36
CA ILE B 154 -14.48 17.81 0.68
C ILE B 154 -13.34 18.79 0.55
N ALA B 155 -13.67 20.07 0.50
CA ALA B 155 -12.66 21.09 0.39
C ALA B 155 -13.02 22.16 1.39
N VAL B 156 -12.03 22.98 1.75
CA VAL B 156 -12.26 24.07 2.69
C VAL B 156 -11.31 25.23 2.39
N GLU B 157 -11.82 26.44 2.59
CA GLU B 157 -11.05 27.66 2.36
C GLU B 157 -11.42 28.76 3.35
N TRP B 158 -10.78 29.91 3.20
CA TRP B 158 -11.05 31.03 4.08
C TRP B 158 -11.28 32.34 3.36
N GLU B 159 -12.51 32.83 3.45
CA GLU B 159 -12.88 34.11 2.85
C GLU B 159 -12.86 35.12 3.99
N SER B 160 -12.20 36.25 3.80
CA SER B 160 -12.17 37.30 4.82
C SER B 160 -13.25 38.28 4.39
N ASN B 161 -13.02 38.94 3.25
CA ASN B 161 -13.97 39.86 2.66
C ASN B 161 -13.95 39.62 1.15
N GLY B 162 -13.48 40.62 0.42
CA GLY B 162 -13.40 40.55 -1.01
C GLY B 162 -12.37 39.58 -1.61
N GLN B 163 -11.33 39.21 -0.86
CA GLN B 163 -10.27 38.34 -1.37
C GLN B 163 -9.74 37.32 -0.32
N PRO B 164 -9.48 36.06 -0.75
CA PRO B 164 -8.98 34.85 -0.02
C PRO B 164 -7.66 34.88 0.80
N GLU B 165 -7.49 33.86 1.66
CA GLU B 165 -6.30 33.71 2.50
C GLU B 165 -5.34 32.55 2.11
N ASN B 166 -4.17 32.51 2.72
CA ASN B 166 -3.22 31.43 2.43
C ASN B 166 -2.79 30.75 3.73
N ASN B 167 -2.28 31.57 4.63
CA ASN B 167 -1.81 31.11 5.93
C ASN B 167 -2.87 30.29 6.69
N TYR B 168 -2.96 29.00 6.36
CA TYR B 168 -3.91 28.12 7.04
C TYR B 168 -3.63 26.67 6.69
N LYS B 169 -3.99 25.77 7.59
CA LYS B 169 -3.78 24.36 7.36
C LYS B 169 -5.00 23.54 7.75
N THR B 170 -5.17 22.39 7.13
CA THR B 170 -6.30 21.54 7.43
C THR B 170 -5.93 20.07 7.59
N THR B 171 -6.53 19.45 8.59
CA THR B 171 -6.29 18.05 8.86
C THR B 171 -7.25 17.30 7.96
N PRO B 172 -6.87 16.09 7.52
CA PRO B 172 -7.74 15.28 6.65
C PRO B 172 -8.89 14.70 7.46
N PRO B 173 -9.93 14.22 6.79
CA PRO B 173 -11.09 13.66 7.49
C PRO B 173 -10.68 12.62 8.49
N VAL B 174 -11.58 12.36 9.43
CA VAL B 174 -11.31 11.37 10.44
C VAL B 174 -12.63 10.68 10.66
N LEU B 175 -12.63 9.36 10.57
CA LEU B 175 -13.85 8.60 10.77
C LEU B 175 -14.38 8.95 12.15
N ASP B 176 -15.62 9.41 12.19
CA ASP B 176 -16.25 9.80 13.44
C ASP B 176 -16.96 8.62 14.07
N SER B 177 -17.04 8.64 15.40
CA SER B 177 -17.69 7.60 16.19
C SER B 177 -19.02 7.14 15.62
N ASP B 178 -19.58 7.89 14.68
CA ASP B 178 -20.87 7.54 14.09
C ASP B 178 -20.82 7.25 12.59
N GLY B 179 -19.72 6.68 12.12
CA GLY B 179 -19.59 6.37 10.71
C GLY B 179 -19.62 7.59 9.82
N SER B 180 -19.68 8.78 10.42
CA SER B 180 -19.68 10.02 9.67
C SER B 180 -18.24 10.46 9.58
N PHE B 181 -18.01 11.71 9.20
CA PHE B 181 -16.65 12.24 9.09
C PHE B 181 -16.53 13.62 9.71
N PHE B 182 -15.30 14.12 9.79
CA PHE B 182 -15.09 15.45 10.33
C PHE B 182 -13.67 15.94 10.15
N LEU B 183 -13.43 17.17 10.60
CA LEU B 183 -12.09 17.74 10.52
C LEU B 183 -12.08 19.18 10.99
N TYR B 184 -10.88 19.71 11.11
CA TYR B 184 -10.69 21.07 11.53
C TYR B 184 -9.78 21.71 10.53
N SER B 185 -9.86 23.03 10.48
CA SER B 185 -8.99 23.80 9.61
C SER B 185 -8.70 24.99 10.48
N LYS B 186 -7.42 25.18 10.78
CA LYS B 186 -6.97 26.27 11.62
C LYS B 186 -6.39 27.35 10.73
N LEU B 187 -6.76 28.60 11.06
CA LEU B 187 -6.31 29.76 10.31
C LEU B 187 -5.36 30.63 11.12
N THR B 188 -4.25 30.96 10.47
CA THR B 188 -3.24 31.79 11.10
C THR B 188 -3.32 33.20 10.53
N VAL B 189 -3.76 34.12 11.39
CA VAL B 189 -3.88 35.54 11.07
C VAL B 189 -3.03 36.24 12.11
N ASP B 190 -2.81 37.54 11.97
CA ASP B 190 -2.01 38.25 12.95
C ASP B 190 -2.84 38.73 14.13
N LYS B 191 -2.21 38.86 15.29
CA LYS B 191 -2.87 39.30 16.50
C LYS B 191 -3.92 40.36 16.18
N SER B 192 -3.44 41.47 15.61
CA SER B 192 -4.28 42.59 15.23
C SER B 192 -5.47 42.21 14.35
N ARG B 193 -5.20 41.92 13.08
CA ARG B 193 -6.24 41.55 12.11
C ARG B 193 -7.48 40.96 12.76
N TRP B 194 -7.30 40.03 13.69
CA TRP B 194 -8.42 39.44 14.37
C TRP B 194 -9.00 40.45 15.35
N GLN B 195 -8.17 40.86 16.29
CA GLN B 195 -8.54 41.81 17.34
C GLN B 195 -9.26 43.03 16.80
N GLN B 196 -8.76 43.60 15.70
CA GLN B 196 -9.38 44.78 15.09
C GLN B 196 -10.78 44.46 14.58
N GLY B 197 -11.33 43.35 15.06
CA GLY B 197 -12.67 42.92 14.72
C GLY B 197 -13.02 42.44 13.32
N ASN B 198 -12.02 42.27 12.46
CA ASN B 198 -12.32 41.83 11.09
C ASN B 198 -13.20 40.58 11.07
N VAL B 199 -13.72 40.27 9.89
CA VAL B 199 -14.59 39.10 9.72
C VAL B 199 -14.00 38.08 8.74
N PHE B 200 -14.22 36.79 9.01
CA PHE B 200 -13.71 35.74 8.14
C PHE B 200 -14.73 34.66 7.88
N SER B 201 -14.54 33.94 6.78
CA SER B 201 -15.43 32.88 6.33
C SER B 201 -14.77 31.53 5.96
N CYS B 202 -15.20 30.51 6.66
CA CYS B 202 -14.76 29.12 6.47
C CYS B 202 -15.50 28.69 5.21
N SER B 203 -14.78 28.46 4.11
CA SER B 203 -15.44 28.05 2.88
C SER B 203 -15.48 26.55 2.67
N VAL B 204 -16.63 25.95 2.99
CA VAL B 204 -16.78 24.51 2.87
C VAL B 204 -17.52 23.97 1.65
N MET B 205 -16.80 23.19 0.84
CA MET B 205 -17.38 22.57 -0.35
C MET B 205 -17.46 21.06 -0.24
N HIS B 206 -18.70 20.55 -0.30
CA HIS B 206 -19.00 19.14 -0.22
C HIS B 206 -20.24 18.87 -1.09
N GLU B 207 -20.55 17.59 -1.32
CA GLU B 207 -21.70 17.22 -2.14
C GLU B 207 -23.08 17.47 -1.55
N ALA B 208 -23.23 17.18 -0.26
CA ALA B 208 -24.50 17.35 0.43
C ALA B 208 -24.76 18.81 0.85
N LEU B 209 -24.41 19.74 -0.03
CA LEU B 209 -24.62 21.15 0.26
C LEU B 209 -25.67 21.74 -0.65
N HIS B 210 -26.59 22.50 -0.05
CA HIS B 210 -27.69 23.13 -0.76
C HIS B 210 -27.37 23.50 -2.21
N ASN B 211 -26.10 23.78 -2.45
CA ASN B 211 -25.65 24.15 -3.79
C ASN B 211 -24.18 23.76 -3.84
N HIS B 212 -23.84 22.69 -3.12
CA HIS B 212 -22.46 22.21 -3.06
C HIS B 212 -21.57 23.30 -2.46
N TYR B 213 -22.17 24.12 -1.59
CA TYR B 213 -21.45 25.22 -0.94
C TYR B 213 -22.21 25.77 0.26
N THR B 214 -21.47 26.10 1.31
CA THR B 214 -22.05 26.64 2.54
C THR B 214 -21.05 27.66 3.08
N GLN B 215 -21.31 28.16 4.28
CA GLN B 215 -20.40 29.14 4.85
C GLN B 215 -20.71 29.54 6.28
N LYS B 216 -19.73 30.18 6.90
CA LYS B 216 -19.87 30.71 8.23
C LYS B 216 -18.75 31.70 8.46
N SER B 217 -19.13 32.87 8.96
CA SER B 217 -18.18 33.95 9.24
C SER B 217 -17.76 33.95 10.69
N LEU B 218 -16.54 34.42 10.95
CA LEU B 218 -16.06 34.44 12.31
C LEU B 218 -15.53 35.83 12.66
N SER B 219 -16.11 36.42 13.71
CA SER B 219 -15.74 37.74 14.19
C SER B 219 -15.83 37.78 15.72
N LEU B 220 -15.42 38.90 16.32
CA LEU B 220 -15.41 39.03 17.79
C LEU B 220 -16.76 39.37 18.45
N LEU C 5 5.59 -49.85 -42.44
CA LEU C 5 6.22 -48.55 -42.10
C LEU C 5 5.98 -48.13 -40.65
N PRO C 6 7.05 -47.74 -39.95
CA PRO C 6 6.93 -47.32 -38.54
C PRO C 6 6.33 -45.91 -38.45
N LYS C 7 5.94 -45.52 -37.24
CA LYS C 7 5.39 -44.19 -37.05
C LYS C 7 6.49 -43.28 -36.57
N ALA C 8 6.40 -42.01 -36.94
CA ALA C 8 7.38 -41.03 -36.51
C ALA C 8 7.04 -40.75 -35.06
N VAL C 9 7.97 -40.18 -34.32
CA VAL C 9 7.64 -39.88 -32.95
C VAL C 9 8.04 -38.45 -32.67
N VAL C 10 7.19 -37.74 -31.93
CA VAL C 10 7.44 -36.36 -31.63
C VAL C 10 7.94 -36.25 -30.22
N PHE C 11 9.02 -35.49 -30.06
CA PHE C 11 9.61 -35.28 -28.75
C PHE C 11 9.65 -33.82 -28.43
N LEU C 12 9.64 -33.50 -27.15
CA LEU C 12 9.71 -32.13 -26.73
C LEU C 12 11.05 -31.79 -26.11
N GLU C 13 11.44 -30.53 -26.29
CA GLU C 13 12.68 -30.03 -25.75
C GLU C 13 12.40 -28.57 -25.44
N PRO C 14 12.33 -28.20 -24.16
CA PRO C 14 12.50 -29.03 -22.96
C PRO C 14 11.32 -29.94 -22.77
N GLN C 15 11.47 -30.89 -21.86
CA GLN C 15 10.44 -31.88 -21.57
C GLN C 15 9.20 -31.38 -20.84
N TRP C 16 9.06 -30.07 -20.69
CA TRP C 16 7.88 -29.52 -20.03
C TRP C 16 6.72 -29.44 -21.00
N TYR C 17 5.63 -30.12 -20.67
CA TYR C 17 4.46 -30.13 -21.52
C TYR C 17 3.59 -28.89 -21.34
N SER C 18 3.64 -28.26 -20.17
CA SER C 18 2.88 -27.04 -19.90
C SER C 18 3.92 -25.94 -19.88
N VAL C 19 3.66 -24.82 -20.53
CA VAL C 19 4.64 -23.75 -20.53
C VAL C 19 4.01 -22.37 -20.56
N LEU C 20 4.83 -21.35 -20.35
CA LEU C 20 4.39 -19.96 -20.33
C LEU C 20 4.60 -19.38 -21.71
N GLU C 21 4.07 -18.19 -21.96
CA GLU C 21 4.27 -17.57 -23.27
C GLU C 21 5.70 -17.08 -23.26
N LYS C 22 6.20 -16.69 -24.42
CA LYS C 22 7.58 -16.23 -24.52
C LYS C 22 8.56 -17.38 -24.30
N ASP C 23 8.07 -18.50 -23.78
CA ASP C 23 8.90 -19.67 -23.55
C ASP C 23 9.31 -20.21 -24.91
N SER C 24 10.36 -21.03 -24.93
CA SER C 24 10.86 -21.62 -26.17
C SER C 24 10.60 -23.10 -26.15
N VAL C 25 10.01 -23.64 -27.22
CA VAL C 25 9.72 -25.06 -27.29
C VAL C 25 10.25 -25.56 -28.58
N THR C 26 10.49 -26.86 -28.66
CA THR C 26 11.01 -27.46 -29.88
C THR C 26 10.42 -28.85 -30.06
N LEU C 27 9.69 -29.04 -31.14
CA LEU C 27 9.08 -30.33 -31.41
C LEU C 27 9.93 -31.07 -32.44
N LYS C 28 10.49 -32.21 -32.06
CA LYS C 28 11.33 -32.95 -32.99
C LYS C 28 10.63 -34.21 -33.43
N CYS C 29 10.67 -34.43 -34.74
CA CYS C 29 10.03 -35.55 -35.42
C CYS C 29 11.01 -36.68 -35.72
N GLN C 30 11.45 -37.38 -34.69
CA GLN C 30 12.38 -38.47 -34.84
C GLN C 30 11.85 -39.55 -35.76
N GLY C 31 12.75 -40.34 -36.35
CA GLY C 31 12.34 -41.40 -37.25
C GLY C 31 13.16 -41.44 -38.51
N ALA C 32 12.81 -42.35 -39.41
CA ALA C 32 13.53 -42.49 -40.68
C ALA C 32 12.72 -41.90 -41.83
N TYR C 33 13.42 -41.41 -42.84
CA TYR C 33 12.77 -40.82 -44.01
C TYR C 33 13.14 -41.60 -45.27
N SER C 34 12.54 -41.22 -46.40
CA SER C 34 12.83 -41.89 -47.66
C SER C 34 14.06 -41.27 -48.31
N PRO C 35 15.04 -42.11 -48.70
CA PRO C 35 16.29 -41.64 -49.34
C PRO C 35 16.05 -40.68 -50.52
N GLU C 36 14.86 -40.75 -51.11
CA GLU C 36 14.48 -39.88 -52.23
C GLU C 36 13.43 -38.90 -51.73
N ASP C 37 13.85 -37.65 -51.50
CA ASP C 37 12.97 -36.61 -50.98
C ASP C 37 12.54 -37.00 -49.57
N ASN C 38 12.99 -36.23 -48.59
CA ASN C 38 12.66 -36.50 -47.19
C ASN C 38 12.16 -35.25 -46.47
N SER C 39 10.87 -34.96 -46.62
CA SER C 39 10.28 -33.81 -45.94
C SER C 39 9.46 -34.34 -44.79
N THR C 40 9.20 -33.48 -43.82
CA THR C 40 8.42 -33.84 -42.64
C THR C 40 7.11 -33.07 -42.64
N GLN C 41 6.08 -33.62 -42.02
CA GLN C 41 4.79 -32.95 -41.98
C GLN C 41 4.42 -32.72 -40.53
N TRP C 42 4.06 -31.50 -40.18
CA TRP C 42 3.69 -31.25 -38.80
C TRP C 42 2.23 -31.02 -38.76
N PHE C 43 1.59 -31.48 -37.70
CA PHE C 43 0.16 -31.31 -37.57
C PHE C 43 -0.29 -30.67 -36.29
N HIS C 44 -0.85 -29.48 -36.40
CA HIS C 44 -1.37 -28.83 -35.23
C HIS C 44 -2.84 -29.15 -35.22
N ASN C 45 -3.25 -29.96 -34.26
CA ASN C 45 -4.64 -30.34 -34.15
C ASN C 45 -5.11 -30.91 -35.46
N GLU C 46 -4.33 -31.85 -35.99
CA GLU C 46 -4.67 -32.51 -37.23
C GLU C 46 -4.86 -31.49 -38.33
N SER C 47 -3.80 -30.76 -38.66
CA SER C 47 -3.85 -29.75 -39.70
C SER C 47 -2.39 -29.49 -39.95
N LEU C 48 -2.03 -28.90 -41.07
CA LEU C 48 -0.59 -28.70 -41.33
C LEU C 48 0.06 -27.47 -40.74
N ILE C 49 1.10 -27.00 -41.42
CA ILE C 49 1.87 -25.82 -41.07
C ILE C 49 3.15 -25.91 -41.87
N SER C 50 3.75 -24.76 -42.18
CA SER C 50 5.00 -24.70 -42.92
C SER C 50 5.83 -25.98 -42.69
N SER C 51 5.51 -26.95 -43.52
CA SER C 51 6.08 -28.29 -43.51
C SER C 51 7.55 -28.54 -43.91
N GLN C 52 8.40 -28.79 -42.92
CA GLN C 52 9.77 -29.12 -43.21
C GLN C 52 10.56 -29.51 -41.98
N ALA C 53 11.15 -28.50 -41.35
CA ALA C 53 11.95 -28.70 -40.16
C ALA C 53 11.76 -30.09 -39.59
N SER C 54 12.85 -30.82 -39.47
CA SER C 54 12.77 -32.14 -38.87
C SER C 54 12.44 -31.82 -37.43
N SER C 55 12.79 -30.59 -37.06
CA SER C 55 12.56 -30.08 -35.73
C SER C 55 11.82 -28.75 -35.82
N TYR C 56 10.51 -28.80 -35.71
CA TYR C 56 9.69 -27.60 -35.75
C TYR C 56 10.05 -26.87 -34.48
N PHE C 57 10.54 -25.66 -34.63
CA PHE C 57 10.97 -24.89 -33.49
C PHE C 57 9.99 -23.80 -33.13
N ILE C 58 9.43 -23.88 -31.92
CA ILE C 58 8.51 -22.85 -31.46
C ILE C 58 9.33 -21.87 -30.64
N ASP C 59 9.85 -20.85 -31.32
CA ASP C 59 10.72 -19.85 -30.70
C ASP C 59 10.18 -18.96 -29.58
N ALA C 60 8.99 -18.39 -29.77
CA ALA C 60 8.38 -17.48 -28.78
C ALA C 60 6.99 -17.90 -28.29
N ALA C 61 6.89 -19.15 -27.86
CA ALA C 61 5.64 -19.73 -27.37
C ALA C 61 4.52 -18.79 -26.92
N THR C 62 3.35 -18.93 -27.53
CA THR C 62 2.21 -18.12 -27.12
C THR C 62 1.08 -19.11 -26.98
N VAL C 63 -0.07 -18.64 -26.54
CA VAL C 63 -1.23 -19.50 -26.32
C VAL C 63 -1.68 -20.32 -27.49
N ASN C 64 -1.68 -19.72 -28.67
CA ASN C 64 -2.14 -20.42 -29.84
C ASN C 64 -1.27 -21.58 -30.23
N ASP C 65 0.03 -21.49 -29.99
CA ASP C 65 0.92 -22.60 -30.31
C ASP C 65 0.54 -23.85 -29.52
N SER C 66 -0.58 -23.74 -28.80
CA SER C 66 -1.08 -24.82 -27.98
C SER C 66 -2.02 -25.76 -28.70
N GLY C 67 -2.00 -27.02 -28.27
CA GLY C 67 -2.84 -28.04 -28.87
C GLY C 67 -2.08 -29.34 -29.08
N GLU C 68 -2.65 -30.22 -29.89
CA GLU C 68 -2.06 -31.53 -30.18
C GLU C 68 -1.08 -31.35 -31.30
N TYR C 69 0.14 -31.83 -31.11
CA TYR C 69 1.13 -31.74 -32.16
C TYR C 69 1.49 -33.16 -32.60
N ARG C 70 1.39 -33.41 -33.91
CA ARG C 70 1.71 -34.72 -34.52
C ARG C 70 2.65 -34.50 -35.69
N CYS C 71 3.38 -35.54 -36.09
CA CYS C 71 4.31 -35.38 -37.21
C CYS C 71 4.43 -36.62 -38.09
N GLN C 72 4.68 -36.41 -39.38
CA GLN C 72 4.77 -37.53 -40.29
C GLN C 72 5.95 -37.36 -41.24
N THR C 73 6.19 -38.37 -42.08
CA THR C 73 7.28 -38.35 -43.04
C THR C 73 7.15 -39.40 -44.15
N ASN C 74 7.85 -39.14 -45.27
CA ASN C 74 7.81 -40.04 -46.43
C ASN C 74 8.03 -41.50 -46.15
N LEU C 75 8.18 -41.86 -44.89
CA LEU C 75 8.38 -43.25 -44.52
C LEU C 75 7.97 -43.53 -43.08
N SER C 76 6.87 -42.93 -42.65
CA SER C 76 6.35 -43.15 -41.31
C SER C 76 4.87 -42.90 -41.28
N THR C 77 4.15 -43.69 -40.49
CA THR C 77 2.72 -43.48 -40.38
C THR C 77 2.53 -42.25 -39.46
N LEU C 78 1.37 -41.61 -39.52
CA LEU C 78 1.12 -40.44 -38.69
C LEU C 78 1.63 -40.71 -37.29
N SER C 79 2.43 -39.80 -36.76
CA SER C 79 2.96 -39.96 -35.43
C SER C 79 1.85 -40.06 -34.41
N ASP C 80 2.21 -40.39 -33.17
CA ASP C 80 1.22 -40.42 -32.11
C ASP C 80 1.17 -38.93 -31.76
N PRO C 81 0.17 -38.49 -31.00
CA PRO C 81 0.07 -37.08 -30.65
C PRO C 81 0.83 -36.62 -29.40
N VAL C 82 1.11 -35.32 -29.34
CA VAL C 82 1.81 -34.70 -28.21
C VAL C 82 1.13 -33.39 -27.89
N GLN C 83 0.76 -33.23 -26.61
CA GLN C 83 0.09 -32.02 -26.18
C GLN C 83 0.96 -30.90 -25.64
N LEU C 84 0.78 -29.69 -26.14
CA LEU C 84 1.54 -28.54 -25.67
C LEU C 84 0.54 -27.55 -25.07
N GLU C 85 0.64 -27.34 -23.78
CA GLU C 85 -0.25 -26.47 -23.04
C GLU C 85 0.55 -25.18 -22.76
N VAL C 86 0.12 -24.07 -23.36
CA VAL C 86 0.78 -22.76 -23.18
C VAL C 86 -0.12 -21.78 -22.46
N HIS C 87 0.37 -21.17 -21.38
CA HIS C 87 -0.43 -20.23 -20.58
C HIS C 87 0.15 -18.84 -20.47
N ILE C 88 -0.65 -17.95 -19.90
CA ILE C 88 -0.23 -16.56 -19.69
C ILE C 88 0.08 -16.37 -18.23
N GLY C 89 1.27 -15.86 -17.90
CA GLY C 89 1.57 -15.65 -16.48
C GLY C 89 2.95 -15.21 -16.02
N TRP C 90 3.10 -15.08 -14.71
CA TRP C 90 4.38 -14.71 -14.14
C TRP C 90 5.02 -16.01 -13.69
N LEU C 91 4.18 -16.92 -13.24
CA LEU C 91 4.63 -18.21 -12.77
C LEU C 91 3.82 -19.36 -13.33
N LEU C 92 4.40 -20.55 -13.28
CA LEU C 92 3.73 -21.72 -13.76
C LEU C 92 4.31 -22.89 -13.00
N LEU C 93 3.44 -23.80 -12.59
CA LEU C 93 3.89 -24.98 -11.88
C LEU C 93 4.08 -26.01 -12.97
N GLN C 94 5.25 -26.64 -13.03
CA GLN C 94 5.47 -27.64 -14.06
C GLN C 94 5.67 -29.01 -13.43
N ALA C 95 5.65 -30.04 -14.27
CA ALA C 95 5.81 -31.43 -13.83
C ALA C 95 5.36 -32.28 -15.00
N PRO C 96 6.05 -33.41 -15.23
CA PRO C 96 5.67 -34.28 -16.35
C PRO C 96 4.23 -34.74 -16.33
N ARG C 97 3.72 -35.08 -15.15
CA ARG C 97 2.35 -35.55 -15.02
C ARG C 97 1.89 -35.21 -13.61
N TRP C 98 0.59 -34.99 -13.42
CA TRP C 98 0.10 -34.65 -12.09
C TRP C 98 -0.49 -35.86 -11.38
N VAL C 99 -0.81 -36.89 -12.17
CA VAL C 99 -1.37 -38.11 -11.61
C VAL C 99 -0.22 -38.97 -11.11
N PHE C 100 0.05 -38.84 -9.81
CA PHE C 100 1.12 -39.58 -9.17
C PHE C 100 0.54 -40.48 -8.09
N LYS C 101 1.33 -41.46 -7.66
CA LYS C 101 0.92 -42.36 -6.59
C LYS C 101 2.07 -43.04 -5.86
N GLU C 102 2.92 -43.77 -6.56
CA GLU C 102 4.04 -44.41 -5.88
C GLU C 102 5.39 -44.41 -6.60
N GLU C 103 6.44 -44.74 -5.84
CA GLU C 103 7.81 -44.80 -6.32
C GLU C 103 8.13 -43.79 -7.41
N ASP C 104 8.21 -42.52 -7.03
CA ASP C 104 8.52 -41.44 -7.96
C ASP C 104 8.47 -40.10 -7.23
N PRO C 105 9.63 -39.44 -7.08
CA PRO C 105 9.70 -38.14 -6.40
C PRO C 105 8.94 -37.05 -7.15
N ILE C 106 7.87 -36.56 -6.55
CA ILE C 106 7.05 -35.51 -7.17
C ILE C 106 7.88 -34.27 -7.52
N HIS C 107 8.15 -34.10 -8.81
CA HIS C 107 8.93 -32.98 -9.29
C HIS C 107 8.05 -31.79 -9.65
N LEU C 108 8.15 -30.74 -8.86
CA LEU C 108 7.38 -29.54 -9.12
C LEU C 108 8.27 -28.34 -9.38
N ARG C 109 8.19 -27.78 -10.57
CA ARG C 109 8.99 -26.61 -10.90
C ARG C 109 8.11 -25.37 -10.86
N CYS C 110 8.62 -24.28 -10.30
CA CYS C 110 7.88 -23.03 -10.28
C CYS C 110 8.63 -22.23 -11.34
N HIS C 111 7.95 -21.90 -12.42
CA HIS C 111 8.57 -21.19 -13.52
C HIS C 111 8.08 -19.75 -13.59
N SER C 112 8.96 -18.84 -13.96
CA SER C 112 8.60 -17.43 -14.05
C SER C 112 8.64 -16.92 -15.48
N TRP C 113 7.65 -16.13 -15.86
CA TRP C 113 7.60 -15.58 -17.22
C TRP C 113 8.95 -15.05 -17.60
N LYS C 114 9.28 -15.14 -18.89
CA LYS C 114 10.56 -14.63 -19.37
C LYS C 114 11.71 -15.08 -18.45
N ASN C 115 11.42 -16.03 -17.57
CA ASN C 115 12.42 -16.56 -16.65
C ASN C 115 13.00 -15.50 -15.71
N THR C 116 12.22 -14.47 -15.43
CA THR C 116 12.69 -13.41 -14.56
C THR C 116 13.09 -14.06 -13.25
N ALA C 117 13.83 -13.34 -12.41
CA ALA C 117 14.30 -13.87 -11.13
C ALA C 117 13.23 -13.98 -10.07
N LEU C 118 12.98 -15.18 -9.61
CA LEU C 118 11.95 -15.35 -8.60
C LEU C 118 12.61 -15.66 -7.27
N HIS C 119 12.16 -15.02 -6.19
CA HIS C 119 12.73 -15.23 -4.85
C HIS C 119 11.68 -15.47 -3.74
N LYS C 120 12.14 -15.89 -2.57
CA LYS C 120 11.24 -16.16 -1.44
C LYS C 120 9.98 -16.86 -1.92
N VAL C 121 10.23 -17.92 -2.67
CA VAL C 121 9.20 -18.73 -3.26
C VAL C 121 8.65 -19.75 -2.30
N THR C 122 7.34 -19.89 -2.35
CA THR C 122 6.64 -20.83 -1.51
C THR C 122 5.96 -21.81 -2.44
N TYR C 123 5.71 -23.01 -1.97
CA TYR C 123 5.00 -23.97 -2.78
C TYR C 123 3.78 -24.26 -1.95
N LEU C 124 2.59 -24.12 -2.53
CA LEU C 124 1.36 -24.34 -1.77
C LEU C 124 0.43 -25.43 -2.27
N GLN C 125 -0.35 -25.94 -1.33
CA GLN C 125 -1.31 -27.00 -1.60
C GLN C 125 -2.52 -26.63 -0.76
N ASN C 126 -3.65 -26.39 -1.40
CA ASN C 126 -4.83 -26.02 -0.66
C ASN C 126 -4.53 -24.75 0.11
N GLY C 127 -4.33 -23.65 -0.61
CA GLY C 127 -4.05 -22.38 0.03
C GLY C 127 -3.16 -22.40 1.27
N LYS C 128 -2.43 -23.50 1.47
CA LYS C 128 -1.53 -23.66 2.62
C LYS C 128 -0.07 -23.79 2.15
N ASP C 129 0.82 -23.02 2.78
CA ASP C 129 2.22 -23.05 2.39
C ASP C 129 2.93 -24.33 2.84
N ARG C 130 3.30 -25.16 1.87
CA ARG C 130 3.96 -26.44 2.12
C ARG C 130 5.49 -26.39 2.08
N LYS C 131 6.05 -25.38 1.42
CA LYS C 131 7.51 -25.26 1.30
C LYS C 131 8.01 -23.87 0.89
N TYR C 132 8.95 -23.33 1.66
CA TYR C 132 9.53 -22.02 1.41
C TYR C 132 10.92 -22.10 0.81
N PHE C 133 11.27 -21.10 0.03
CA PHE C 133 12.59 -21.05 -0.60
C PHE C 133 13.07 -19.62 -0.69
N HIS C 134 14.32 -19.38 -0.29
CA HIS C 134 14.89 -18.04 -0.35
C HIS C 134 15.04 -17.62 -1.82
N HIS C 135 15.62 -18.52 -2.61
CA HIS C 135 15.81 -18.31 -4.05
C HIS C 135 15.01 -19.42 -4.74
N ASN C 136 14.39 -19.10 -5.87
CA ASN C 136 13.57 -20.06 -6.61
C ASN C 136 14.25 -21.38 -6.82
N SER C 137 13.51 -22.47 -6.61
CA SER C 137 14.02 -23.82 -6.81
C SER C 137 12.93 -24.88 -6.81
N ASP C 138 13.14 -25.90 -7.64
CA ASP C 138 12.20 -26.98 -7.79
C ASP C 138 11.82 -27.60 -6.48
N PHE C 139 10.62 -28.18 -6.43
CA PHE C 139 10.09 -28.80 -5.23
C PHE C 139 9.85 -30.30 -5.40
N HIS C 140 10.83 -31.10 -4.96
CA HIS C 140 10.77 -32.55 -5.04
C HIS C 140 10.22 -33.12 -3.75
N ILE C 141 10.08 -34.44 -3.73
CA ILE C 141 9.59 -35.17 -2.57
C ILE C 141 10.31 -36.54 -2.44
N PRO C 142 11.00 -36.75 -1.31
CA PRO C 142 11.74 -37.99 -1.04
C PRO C 142 11.12 -39.24 -1.65
N LYS C 143 10.18 -39.84 -0.91
CA LYS C 143 9.51 -41.04 -1.39
C LYS C 143 8.04 -40.74 -1.67
N ALA C 144 7.61 -41.00 -2.90
CA ALA C 144 6.23 -40.76 -3.31
C ALA C 144 5.28 -41.30 -2.24
N THR C 145 4.23 -40.54 -1.95
CA THR C 145 3.26 -40.95 -0.94
C THR C 145 1.80 -40.58 -1.23
N LEU C 146 0.90 -41.54 -1.00
CA LEU C 146 -0.52 -41.34 -1.23
C LEU C 146 -1.04 -40.11 -0.49
N LYS C 147 -0.22 -39.53 0.37
CA LYS C 147 -0.61 -38.35 1.13
C LYS C 147 -0.34 -37.07 0.34
N ASP C 148 -0.17 -37.21 -0.96
CA ASP C 148 0.09 -36.06 -1.83
C ASP C 148 -1.08 -35.81 -2.76
N SER C 149 -2.29 -36.03 -2.27
CA SER C 149 -3.50 -35.81 -3.07
C SER C 149 -4.12 -34.45 -2.82
N GLY C 150 -3.74 -33.46 -3.63
CA GLY C 150 -4.29 -32.12 -3.48
C GLY C 150 -4.15 -31.14 -4.64
N SER C 151 -4.34 -29.85 -4.31
CA SER C 151 -4.24 -28.76 -5.27
C SER C 151 -3.02 -27.88 -4.97
N TYR C 152 -2.08 -27.85 -5.92
CA TYR C 152 -0.88 -27.06 -5.74
C TYR C 152 -0.79 -25.80 -6.57
N PHE C 153 0.17 -24.95 -6.21
CA PHE C 153 0.41 -23.71 -6.90
C PHE C 153 1.51 -22.97 -6.17
N CYS C 154 2.46 -22.42 -6.89
CA CYS C 154 3.55 -21.69 -6.25
C CYS C 154 3.41 -20.19 -6.47
N ARG C 155 4.26 -19.43 -5.79
CA ARG C 155 4.27 -17.99 -5.91
C ARG C 155 5.50 -17.45 -5.19
N GLY C 156 5.91 -16.24 -5.57
CA GLY C 156 7.09 -15.64 -4.96
C GLY C 156 7.21 -14.14 -5.18
N LEU C 157 8.45 -13.65 -5.21
CA LEU C 157 8.72 -12.22 -5.41
C LEU C 157 9.59 -11.91 -6.64
N VAL C 158 8.96 -11.40 -7.70
CA VAL C 158 9.68 -11.01 -8.90
C VAL C 158 10.10 -9.57 -8.67
N GLY C 159 11.32 -9.39 -8.16
CA GLY C 159 11.76 -8.04 -7.87
C GLY C 159 11.27 -7.66 -6.48
N SER C 160 10.09 -7.06 -6.41
CA SER C 160 9.54 -6.67 -5.13
C SER C 160 8.03 -6.75 -5.20
N LYS C 161 7.54 -7.39 -6.25
CA LYS C 161 6.11 -7.55 -6.44
C LYS C 161 5.77 -9.01 -6.47
N ASN C 162 4.58 -9.33 -5.97
CA ASN C 162 4.12 -10.71 -5.91
C ASN C 162 3.47 -11.26 -7.14
N VAL C 163 3.73 -12.56 -7.32
CA VAL C 163 3.22 -13.28 -8.45
C VAL C 163 2.79 -14.63 -7.95
N SER C 164 1.83 -15.24 -8.63
CA SER C 164 1.32 -16.55 -8.26
C SER C 164 1.16 -17.38 -9.52
N SER C 165 0.95 -18.68 -9.35
CA SER C 165 0.78 -19.57 -10.49
C SER C 165 -0.63 -20.08 -10.44
N GLU C 166 -1.22 -20.37 -11.59
CA GLU C 166 -2.58 -20.88 -11.59
C GLU C 166 -2.50 -22.17 -10.79
N THR C 167 -3.61 -22.56 -10.16
CA THR C 167 -3.63 -23.76 -9.35
C THR C 167 -3.67 -25.00 -10.22
N VAL C 168 -3.31 -26.12 -9.63
CA VAL C 168 -3.31 -27.39 -10.34
C VAL C 168 -3.72 -28.49 -9.38
N ASN C 169 -4.12 -29.64 -9.91
CA ASN C 169 -4.53 -30.73 -9.05
C ASN C 169 -3.58 -31.92 -9.13
N ILE C 170 -2.75 -32.04 -8.09
CA ILE C 170 -1.81 -33.15 -8.03
C ILE C 170 -2.62 -34.36 -7.60
N THR C 171 -3.10 -35.11 -8.58
CA THR C 171 -3.90 -36.31 -8.33
C THR C 171 -3.07 -37.59 -8.26
#